data_7CQV
#
_entry.id   7CQV
#
_cell.length_a   98.449
_cell.length_b   98.449
_cell.length_c   134.263
_cell.angle_alpha   90.000
_cell.angle_beta   90.000
_cell.angle_gamma   120.000
#
_symmetry.space_group_name_H-M   'H 3 2'
#
loop_
_entity.id
_entity.type
_entity.pdbx_description
1 polymer AT15141p
2 polymer 'Transient receptor potential protein'
3 non-polymer 'CALCIUM ION'
4 water water
#
loop_
_entity_poly.entity_id
_entity_poly.type
_entity_poly.pdbx_seq_one_letter_code
_entity_poly.pdbx_strand_id
1 'polypeptide(L)' GPMADQLTEEQIAEFKEAFSLFDKDGDGTITTKELGTVMRSLGQNPTEAELQDMINEVDADGNGTIDFPEFLTMMARKMK E,A
2 'polypeptide(L)'
;GPNNNWDVPDIEKKSQGVARTTKGKVMERRILKDFQIGFVENLKQEMSESESGRDIFSSLAKVIGRKKTQKGDKDWNAIA
RK
;
B
#
loop_
_chem_comp.id
_chem_comp.type
_chem_comp.name
_chem_comp.formula
CA non-polymer 'CALCIUM ION' 'Ca 2'
#
# COMPACT_ATOMS: atom_id res chain seq x y z
N MET A 3 -2.59 -6.40 -13.11
CA MET A 3 -3.43 -5.23 -13.35
C MET A 3 -2.73 -4.23 -14.26
N ALA A 4 -1.39 -4.23 -14.22
CA ALA A 4 -0.62 -3.35 -15.09
C ALA A 4 -0.77 -3.70 -16.55
N ASP A 5 -1.19 -4.94 -16.85
CA ASP A 5 -1.38 -5.36 -18.24
C ASP A 5 -2.63 -4.73 -18.85
N GLN A 6 -3.62 -4.36 -18.04
CA GLN A 6 -4.85 -3.77 -18.53
C GLN A 6 -4.72 -2.29 -18.87
N LEU A 7 -3.48 -1.82 -19.10
CA LEU A 7 -3.19 -0.41 -19.32
C LEU A 7 -3.08 -0.15 -20.81
N THR A 8 -3.59 1.01 -21.24
CA THR A 8 -3.44 1.35 -22.65
C THR A 8 -2.02 1.87 -22.91
N GLU A 9 -1.68 1.98 -24.19
CA GLU A 9 -0.42 2.58 -24.58
C GLU A 9 -0.31 3.99 -24.02
N GLU A 10 -1.39 4.77 -24.14
CA GLU A 10 -1.35 6.15 -23.68
C GLU A 10 -1.17 6.24 -22.17
N GLN A 11 -1.78 5.31 -21.42
CA GLN A 11 -1.63 5.33 -19.98
C GLN A 11 -0.21 4.97 -19.56
N ILE A 12 0.38 3.97 -20.21
CA ILE A 12 1.78 3.62 -19.93
C ILE A 12 2.71 4.79 -20.24
N ALA A 13 2.53 5.41 -21.42
CA ALA A 13 3.33 6.57 -21.77
C ALA A 13 3.19 7.68 -20.72
N GLU A 14 1.98 7.87 -20.22
CA GLU A 14 1.74 8.90 -19.20
C GLU A 14 2.42 8.54 -17.88
N PHE A 15 2.28 7.28 -17.45
CA PHE A 15 2.92 6.87 -16.21
C PHE A 15 4.45 6.87 -16.32
N LYS A 16 4.99 6.57 -17.51
CA LYS A 16 6.42 6.67 -17.73
C LYS A 16 6.90 8.11 -17.56
N GLU A 17 6.18 9.07 -18.14
CA GLU A 17 6.52 10.47 -17.93
C GLU A 17 6.43 10.85 -16.46
N ALA A 18 5.41 10.35 -15.76
CA ALA A 18 5.24 10.68 -14.35
C ALA A 18 6.39 10.12 -13.51
N PHE A 19 6.82 8.89 -13.83
CA PHE A 19 7.96 8.31 -13.13
C PHE A 19 9.18 9.20 -13.23
N SER A 20 9.44 9.75 -14.41
CA SER A 20 10.65 10.53 -14.58
C SER A 20 10.60 11.84 -13.79
N LEU A 21 9.40 12.32 -13.47
CA LEU A 21 9.29 13.51 -12.64
C LEU A 21 9.82 13.25 -11.24
N PHE A 22 9.64 12.04 -10.73
CA PHE A 22 10.09 11.67 -9.39
C PHE A 22 11.52 11.16 -9.40
N ASP A 23 11.93 10.47 -10.46
CA ASP A 23 13.28 9.90 -10.58
C ASP A 23 14.21 11.00 -11.07
N LYS A 24 14.58 11.88 -10.12
CA LYS A 24 15.25 13.13 -10.45
C LYS A 24 16.59 12.90 -11.14
N ASP A 25 17.32 11.87 -10.74
CA ASP A 25 18.62 11.63 -11.36
C ASP A 25 18.56 10.65 -12.52
N GLY A 26 17.38 10.15 -12.86
CA GLY A 26 17.24 9.27 -13.99
C GLY A 26 17.97 7.96 -13.82
N ASP A 27 18.03 7.42 -12.60
CA ASP A 27 18.71 6.14 -12.41
C ASP A 27 17.74 4.97 -12.35
N GLY A 28 16.45 5.22 -12.63
CA GLY A 28 15.49 4.14 -12.70
C GLY A 28 14.87 3.75 -11.38
N THR A 29 15.17 4.46 -10.31
CA THR A 29 14.59 4.18 -9.00
C THR A 29 14.15 5.50 -8.39
N ILE A 30 13.10 5.44 -7.59
CA ILE A 30 12.66 6.57 -6.76
C ILE A 30 13.04 6.27 -5.33
N THR A 31 13.74 7.19 -4.68
CA THR A 31 14.16 7.01 -3.30
C THR A 31 13.38 7.93 -2.36
N THR A 32 13.58 7.72 -1.05
CA THR A 32 13.03 8.65 -0.05
C THR A 32 13.44 10.09 -0.33
N LYS A 33 14.69 10.29 -0.75
CA LYS A 33 15.17 11.66 -0.98
C LYS A 33 14.48 12.31 -2.15
N GLU A 34 14.23 11.53 -3.22
CA GLU A 34 13.53 12.09 -4.37
C GLU A 34 12.06 12.37 -4.07
N LEU A 35 11.39 11.47 -3.35
CA LEU A 35 10.04 11.77 -2.87
C LEU A 35 10.05 13.02 -2.02
N GLY A 36 11.01 13.13 -1.10
CA GLY A 36 11.06 14.32 -0.24
C GLY A 36 11.23 15.61 -1.04
N THR A 37 12.10 15.58 -2.06
CA THR A 37 12.32 16.78 -2.85
C THR A 37 11.04 17.23 -3.55
N VAL A 38 10.31 16.28 -4.14
CA VAL A 38 9.06 16.65 -4.82
C VAL A 38 8.03 17.15 -3.81
N MET A 39 7.88 16.43 -2.69
CA MET A 39 6.89 16.81 -1.69
C MET A 39 7.15 18.22 -1.18
N ARG A 40 8.41 18.54 -0.89
CA ARG A 40 8.71 19.87 -0.38
C ARG A 40 8.47 20.94 -1.44
N SER A 41 8.70 20.61 -2.71
CA SER A 41 8.43 21.57 -3.79
C SER A 41 6.93 21.86 -3.93
N LEU A 42 6.07 21.01 -3.37
CA LEU A 42 4.63 21.20 -3.38
C LEU A 42 4.12 21.63 -2.01
N GLY A 43 5.01 22.06 -1.12
CA GLY A 43 4.56 22.60 0.15
C GLY A 43 4.25 21.58 1.21
N GLN A 44 4.78 20.36 1.09
CA GLN A 44 4.64 19.36 2.12
C GLN A 44 5.99 19.21 2.81
N ASN A 45 5.98 18.83 4.09
CA ASN A 45 7.24 18.73 4.82
C ASN A 45 7.25 17.41 5.61
N PRO A 46 7.28 16.28 4.90
CA PRO A 46 7.27 14.99 5.59
C PRO A 46 8.56 14.73 6.36
N THR A 47 8.43 13.98 7.46
CA THR A 47 9.60 13.51 8.18
C THR A 47 10.29 12.38 7.39
N GLU A 48 11.55 12.12 7.75
CA GLU A 48 12.25 11.00 7.12
C GLU A 48 11.49 9.70 7.31
N ALA A 49 10.89 9.50 8.48
CA ALA A 49 10.15 8.26 8.73
C ALA A 49 8.93 8.15 7.82
N GLU A 50 8.21 9.26 7.63
CA GLU A 50 7.08 9.24 6.71
C GLU A 50 7.52 8.90 5.28
N LEU A 51 8.65 9.46 4.84
CA LEU A 51 9.13 9.17 3.48
C LEU A 51 9.48 7.69 3.33
N GLN A 52 10.12 7.11 4.35
CA GLN A 52 10.43 5.69 4.27
C GLN A 52 9.15 4.85 4.26
N ASP A 53 8.14 5.27 5.05
CA ASP A 53 6.86 4.57 5.02
C ASP A 53 6.24 4.60 3.63
N MET A 54 6.40 5.73 2.91
CA MET A 54 5.84 5.88 1.58
C MET A 54 6.53 4.91 0.62
N ILE A 55 7.87 4.89 0.65
CA ILE A 55 8.59 3.89 -0.14
C ILE A 55 8.11 2.49 0.24
N ASN A 56 7.97 2.23 1.54
CA ASN A 56 7.63 0.88 1.98
C ASN A 56 6.24 0.45 1.51
N GLU A 57 5.35 1.41 1.26
CA GLU A 57 4.00 1.08 0.82
C GLU A 57 4.02 0.25 -0.45
N VAL A 58 4.87 0.62 -1.40
CA VAL A 58 4.81 0.07 -2.74
C VAL A 58 6.09 -0.66 -3.14
N ASP A 59 7.07 -0.79 -2.22
CA ASP A 59 8.35 -1.46 -2.51
C ASP A 59 8.14 -2.97 -2.39
N ALA A 60 7.56 -3.54 -3.44
CA ALA A 60 7.13 -4.94 -3.41
C ALA A 60 8.30 -5.90 -3.28
N ASP A 61 9.42 -5.63 -3.94
CA ASP A 61 10.53 -6.57 -3.81
C ASP A 61 11.42 -6.27 -2.60
N GLY A 62 11.11 -5.24 -1.82
CA GLY A 62 11.83 -4.97 -0.60
C GLY A 62 13.27 -4.54 -0.80
N ASN A 63 13.63 -4.07 -2.00
CA ASN A 63 15.02 -3.70 -2.26
C ASN A 63 15.35 -2.29 -1.78
N GLY A 64 14.34 -1.53 -1.33
CA GLY A 64 14.53 -0.23 -0.70
C GLY A 64 14.23 0.97 -1.58
N THR A 65 13.88 0.77 -2.85
CA THR A 65 13.47 1.87 -3.73
C THR A 65 12.29 1.44 -4.57
N ILE A 66 11.67 2.39 -5.26
CA ILE A 66 10.57 2.12 -6.20
C ILE A 66 11.13 2.11 -7.61
N ASP A 67 10.94 1.00 -8.35
CA ASP A 67 11.32 1.00 -9.75
C ASP A 67 10.08 1.17 -10.64
N PHE A 68 10.28 1.21 -11.95
CA PHE A 68 9.13 1.53 -12.78
C PHE A 68 8.07 0.42 -12.75
N PRO A 69 8.45 -0.85 -12.71
CA PRO A 69 7.42 -1.90 -12.51
C PRO A 69 6.56 -1.70 -11.27
N GLU A 70 7.19 -1.35 -10.15
CA GLU A 70 6.43 -1.12 -8.93
C GLU A 70 5.57 0.13 -9.07
N PHE A 71 6.08 1.15 -9.75
CA PHE A 71 5.33 2.38 -9.95
C PHE A 71 4.10 2.12 -10.80
N LEU A 72 4.25 1.30 -11.84
CA LEU A 72 3.12 0.97 -12.71
C LEU A 72 2.07 0.15 -11.97
N THR A 73 2.50 -0.79 -11.12
CA THR A 73 1.55 -1.55 -10.30
C THR A 73 0.73 -0.64 -9.39
N MET A 74 1.41 0.30 -8.72
CA MET A 74 0.72 1.30 -7.94
C MET A 74 -0.29 2.08 -8.76
N MET A 75 0.14 2.56 -9.92
CA MET A 75 -0.71 3.43 -10.73
C MET A 75 -1.89 2.66 -11.31
N ALA A 76 -1.65 1.43 -11.77
CA ALA A 76 -2.72 0.63 -12.36
C ALA A 76 -3.77 0.22 -11.33
N ARG A 77 -3.32 -0.19 -10.13
CA ARG A 77 -4.29 -0.67 -9.15
C ARG A 77 -5.13 0.46 -8.58
N LYS A 78 -4.66 1.70 -8.66
CA LYS A 78 -5.40 2.84 -8.14
C LYS A 78 -6.20 3.55 -9.22
N MET A 79 -6.44 2.89 -10.34
CA MET A 79 -7.38 3.41 -11.32
C MET A 79 -8.75 2.76 -11.12
N GLY B 1 -20.88 -14.89 13.06
CA GLY B 1 -19.89 -14.20 12.26
C GLY B 1 -20.35 -13.35 11.07
N PRO B 2 -21.28 -12.44 11.28
CA PRO B 2 -21.72 -11.56 10.18
C PRO B 2 -20.73 -10.42 10.03
N MET B 3 -20.72 -9.83 8.84
CA MET B 3 -20.04 -8.56 8.67
C MET B 3 -20.84 -7.45 9.35
N ALA B 4 -20.16 -6.34 9.65
CA ALA B 4 -20.83 -5.24 10.33
C ALA B 4 -22.06 -4.79 9.55
N ASP B 5 -23.11 -4.44 10.29
CA ASP B 5 -24.37 -4.06 9.66
C ASP B 5 -24.19 -2.87 8.72
N GLN B 6 -23.54 -1.81 9.20
CA GLN B 6 -23.29 -0.61 8.39
C GLN B 6 -21.85 -0.67 7.88
N LEU B 7 -21.69 -1.09 6.62
CA LEU B 7 -20.40 -1.16 5.95
C LEU B 7 -20.46 -0.20 4.76
N THR B 8 -19.86 0.97 4.89
CA THR B 8 -19.96 2.00 3.87
C THR B 8 -19.01 1.71 2.70
N GLU B 9 -19.32 2.31 1.55
CA GLU B 9 -18.44 2.19 0.39
C GLU B 9 -17.07 2.77 0.68
N GLU B 10 -17.00 3.85 1.46
CA GLU B 10 -15.70 4.42 1.75
C GLU B 10 -14.91 3.55 2.70
N GLN B 11 -15.58 2.83 3.60
CA GLN B 11 -14.89 1.83 4.40
C GLN B 11 -14.35 0.70 3.54
N ILE B 12 -15.09 0.33 2.49
CA ILE B 12 -14.62 -0.71 1.58
C ILE B 12 -13.41 -0.22 0.80
N ALA B 13 -13.40 1.05 0.40
CA ALA B 13 -12.22 1.59 -0.28
C ALA B 13 -11.01 1.59 0.65
N GLU B 14 -11.22 1.89 1.92
CA GLU B 14 -10.12 1.83 2.87
C GLU B 14 -9.65 0.40 3.08
N PHE B 15 -10.56 -0.57 3.04
CA PHE B 15 -10.17 -1.97 3.10
C PHE B 15 -9.32 -2.35 1.89
N LYS B 16 -9.71 -1.90 0.69
CA LYS B 16 -8.87 -2.14 -0.49
C LYS B 16 -7.49 -1.52 -0.32
N GLU B 17 -7.44 -0.27 0.17
CA GLU B 17 -6.13 0.36 0.37
C GLU B 17 -5.30 -0.40 1.39
N ALA B 18 -5.92 -0.83 2.48
CA ALA B 18 -5.19 -1.64 3.46
C ALA B 18 -4.72 -2.95 2.85
N PHE B 19 -5.58 -3.62 2.07
CA PHE B 19 -5.17 -4.85 1.41
C PHE B 19 -3.93 -4.60 0.54
N SER B 20 -3.93 -3.50 -0.21
CA SER B 20 -2.83 -3.22 -1.13
C SER B 20 -1.51 -2.99 -0.40
N LEU B 21 -1.54 -2.57 0.88
CA LEU B 21 -0.32 -2.41 1.65
C LEU B 21 0.30 -3.75 2.03
N PHE B 22 -0.53 -4.79 2.17
CA PHE B 22 0.00 -6.14 2.39
C PHE B 22 0.39 -6.78 1.06
N ASP B 23 -0.50 -6.71 0.07
CA ASP B 23 -0.28 -7.33 -1.24
C ASP B 23 0.46 -6.33 -2.14
N LYS B 24 1.74 -6.14 -1.81
CA LYS B 24 2.49 -5.08 -2.49
C LYS B 24 2.77 -5.43 -3.94
N ASP B 25 2.96 -6.71 -4.25
CA ASP B 25 3.24 -7.09 -5.63
C ASP B 25 1.98 -7.14 -6.48
N GLY B 26 0.80 -6.98 -5.88
CA GLY B 26 -0.42 -6.85 -6.65
C GLY B 26 -0.91 -8.11 -7.31
N ASP B 27 -0.50 -9.28 -6.83
CA ASP B 27 -0.98 -10.54 -7.38
C ASP B 27 -2.30 -10.98 -6.77
N GLY B 28 -2.92 -10.12 -5.95
CA GLY B 28 -4.22 -10.42 -5.38
C GLY B 28 -4.22 -11.35 -4.18
N THR B 29 -3.06 -11.72 -3.66
CA THR B 29 -2.99 -12.53 -2.46
C THR B 29 -2.01 -11.93 -1.46
N ILE B 30 -2.24 -12.23 -0.18
CA ILE B 30 -1.31 -11.94 0.90
C ILE B 30 -0.70 -13.26 1.37
N THR B 31 0.63 -13.35 1.31
CA THR B 31 1.36 -14.51 1.78
C THR B 31 1.86 -14.28 3.20
N THR B 32 2.33 -15.37 3.84
CA THR B 32 2.96 -15.20 5.15
C THR B 32 4.15 -14.26 5.06
N LYS B 33 4.91 -14.32 3.96
CA LYS B 33 6.06 -13.41 3.81
C LYS B 33 5.61 -11.96 3.74
N GLU B 34 4.57 -11.68 2.95
CA GLU B 34 4.08 -10.31 2.85
C GLU B 34 3.53 -9.83 4.19
N LEU B 35 2.86 -10.71 4.94
CA LEU B 35 2.40 -10.31 6.26
C LEU B 35 3.57 -10.02 7.19
N GLY B 36 4.60 -10.86 7.16
CA GLY B 36 5.74 -10.63 8.02
C GLY B 36 6.44 -9.32 7.71
N THR B 37 6.57 -9.00 6.43
CA THR B 37 7.18 -7.75 6.02
C THR B 37 6.46 -6.56 6.64
N VAL B 38 5.12 -6.55 6.57
CA VAL B 38 4.37 -5.41 7.09
C VAL B 38 4.48 -5.35 8.62
N MET B 39 4.36 -6.49 9.28
CA MET B 39 4.45 -6.46 10.74
C MET B 39 5.85 -6.16 11.24
N ARG B 40 6.88 -6.42 10.45
CA ARG B 40 8.22 -6.02 10.87
C ARG B 40 8.36 -4.50 10.76
N SER B 41 7.67 -3.88 9.80
CA SER B 41 7.56 -2.42 9.80
C SER B 41 6.85 -1.91 11.05
N LEU B 42 5.95 -2.71 11.64
CA LEU B 42 5.20 -2.28 12.81
C LEU B 42 5.98 -2.43 14.10
N GLY B 43 7.18 -3.00 14.07
CA GLY B 43 7.94 -3.24 15.27
C GLY B 43 7.75 -4.61 15.87
N GLN B 44 6.92 -5.45 15.26
CA GLN B 44 6.74 -6.81 15.72
C GLN B 44 7.70 -7.74 14.99
N ASN B 45 8.08 -8.82 15.67
CA ASN B 45 8.93 -9.86 15.09
C ASN B 45 8.25 -11.21 15.29
N PRO B 46 7.18 -11.47 14.53
CA PRO B 46 6.49 -12.76 14.67
C PRO B 46 7.33 -13.89 14.10
N THR B 47 7.10 -15.10 14.62
CA THR B 47 7.76 -16.27 14.06
C THR B 47 7.07 -16.69 12.77
N GLU B 48 7.70 -17.63 12.06
CA GLU B 48 7.10 -18.19 10.86
C GLU B 48 5.82 -18.97 11.17
N ALA B 49 5.69 -19.47 12.40
CA ALA B 49 4.48 -20.15 12.83
C ALA B 49 3.41 -19.17 13.30
N GLU B 50 3.82 -18.13 14.04
CA GLU B 50 2.88 -17.08 14.43
C GLU B 50 2.25 -16.42 13.21
N LEU B 51 3.07 -16.15 12.18
CA LEU B 51 2.55 -15.60 10.94
C LEU B 51 1.55 -16.56 10.29
N GLN B 52 1.86 -17.86 10.33
CA GLN B 52 0.95 -18.82 9.70
C GLN B 52 -0.36 -18.93 10.48
N ASP B 53 -0.31 -18.74 11.81
CA ASP B 53 -1.54 -18.68 12.59
C ASP B 53 -2.43 -17.52 12.16
N MET B 54 -1.86 -16.34 11.96
CA MET B 54 -2.69 -15.20 11.60
C MET B 54 -3.23 -15.34 10.19
N ILE B 55 -2.43 -15.88 9.27
CA ILE B 55 -2.95 -16.20 7.95
C ILE B 55 -4.09 -17.20 8.05
N ASN B 56 -3.89 -18.26 8.84
CA ASN B 56 -4.87 -19.34 8.90
C ASN B 56 -6.23 -18.87 9.41
N GLU B 57 -6.27 -17.87 10.28
CA GLU B 57 -7.57 -17.48 10.79
C GLU B 57 -8.32 -16.53 9.86
N VAL B 58 -7.68 -16.04 8.79
CA VAL B 58 -8.34 -15.22 7.77
C VAL B 58 -8.62 -16.06 6.52
N ASP B 59 -7.82 -17.11 6.32
CA ASP B 59 -7.77 -17.89 5.08
C ASP B 59 -8.95 -18.86 4.96
N ALA B 60 -10.07 -18.34 4.46
CA ALA B 60 -11.33 -19.09 4.51
C ALA B 60 -11.31 -20.34 3.64
N ASP B 61 -10.57 -20.36 2.51
CA ASP B 61 -10.57 -21.57 1.69
C ASP B 61 -9.39 -22.49 1.96
N GLY B 62 -8.53 -22.15 2.92
CA GLY B 62 -7.44 -23.01 3.31
C GLY B 62 -6.37 -23.22 2.26
N ASN B 63 -6.28 -22.33 1.27
CA ASN B 63 -5.21 -22.46 0.27
C ASN B 63 -3.89 -21.83 0.70
N GLY B 64 -3.79 -21.30 1.93
CA GLY B 64 -2.52 -20.84 2.47
C GLY B 64 -2.25 -19.35 2.34
N THR B 65 -3.04 -18.62 1.55
CA THR B 65 -2.89 -17.18 1.43
C THR B 65 -4.25 -16.50 1.63
N ILE B 66 -4.22 -15.17 1.68
CA ILE B 66 -5.40 -14.35 1.88
C ILE B 66 -5.67 -13.58 0.58
N ASP B 67 -6.86 -13.75 0.01
CA ASP B 67 -7.27 -12.92 -1.11
C ASP B 67 -8.17 -11.79 -0.61
N PHE B 68 -8.54 -10.87 -1.52
CA PHE B 68 -9.24 -9.68 -1.05
C PHE B 68 -10.63 -10.04 -0.51
N PRO B 69 -11.39 -10.92 -1.16
CA PRO B 69 -12.67 -11.34 -0.55
C PRO B 69 -12.51 -11.88 0.86
N GLU B 70 -11.49 -12.71 1.12
CA GLU B 70 -11.27 -13.18 2.48
C GLU B 70 -10.92 -12.03 3.42
N PHE B 71 -10.02 -11.15 2.96
CA PHE B 71 -9.61 -10.02 3.80
C PHE B 71 -10.79 -9.13 4.12
N LEU B 72 -11.60 -8.83 3.13
CA LEU B 72 -12.73 -7.93 3.32
C LEU B 72 -13.76 -8.55 4.25
N THR B 73 -14.02 -9.84 4.08
CA THR B 73 -14.97 -10.54 4.97
C THR B 73 -14.52 -10.47 6.42
N MET B 74 -13.24 -10.73 6.67
CA MET B 74 -12.72 -10.66 8.03
C MET B 74 -12.73 -9.24 8.57
N MET B 75 -12.39 -8.26 7.72
CA MET B 75 -12.29 -6.87 8.18
C MET B 75 -13.66 -6.34 8.58
N ALA B 76 -14.67 -6.52 7.73
CA ALA B 76 -16.02 -6.07 8.06
C ALA B 76 -16.56 -6.79 9.29
N ARG B 77 -16.11 -8.02 9.52
CA ARG B 77 -16.43 -8.72 10.76
C ARG B 77 -15.81 -8.01 11.95
N LYS B 78 -14.49 -7.75 11.91
CA LYS B 78 -13.84 -7.15 13.07
C LYS B 78 -14.32 -5.72 13.26
N MET B 79 -14.94 -5.14 12.23
CA MET B 79 -15.52 -3.80 12.26
C MET B 79 -16.66 -3.67 13.27
N LYS B 80 -17.10 -4.77 13.87
CA LYS B 80 -18.20 -4.74 14.81
C LYS B 80 -17.74 -4.37 16.22
N THR C 21 5.90 22.56 -16.64
CA THR C 21 6.22 22.64 -15.22
C THR C 21 4.93 22.57 -14.38
N THR C 22 3.95 23.40 -14.72
CA THR C 22 2.68 23.33 -13.99
C THR C 22 2.00 21.99 -14.24
N LYS C 23 2.02 21.50 -15.48
CA LYS C 23 1.43 20.19 -15.75
C LYS C 23 2.15 19.10 -14.96
N GLY C 24 3.47 19.17 -14.88
CA GLY C 24 4.21 18.19 -14.11
C GLY C 24 3.87 18.24 -12.63
N LYS C 25 3.76 19.45 -12.07
CA LYS C 25 3.44 19.55 -10.64
C LYS C 25 2.05 19.02 -10.34
N VAL C 26 1.09 19.23 -11.23
CA VAL C 26 -0.25 18.67 -11.02
C VAL C 26 -0.19 17.14 -10.99
N MET C 27 0.54 16.56 -11.94
CA MET C 27 0.72 15.10 -11.96
C MET C 27 1.37 14.62 -10.68
N GLU C 28 2.41 15.32 -10.22
CA GLU C 28 3.10 14.93 -8.99
C GLU C 28 2.16 14.99 -7.79
N ARG C 29 1.36 16.04 -7.69
CA ARG C 29 0.46 16.15 -6.54
C ARG C 29 -0.57 15.03 -6.54
N ARG C 30 -1.07 14.67 -7.71
CA ARG C 30 -2.06 13.60 -7.81
C ARG C 30 -1.47 12.26 -7.39
N ILE C 31 -0.25 11.98 -7.86
CA ILE C 31 0.41 10.71 -7.52
C ILE C 31 0.72 10.67 -6.03
N LEU C 32 1.19 11.77 -5.46
CA LEU C 32 1.47 11.78 -4.03
C LEU C 32 0.22 11.50 -3.22
N LYS C 33 -0.93 12.03 -3.66
CA LYS C 33 -2.17 11.72 -2.95
C LYS C 33 -2.46 10.23 -2.98
N ASP C 34 -2.01 9.54 -4.02
CA ASP C 34 -2.21 8.09 -4.15
C ASP C 34 -1.51 7.29 -3.05
N PHE C 35 -0.54 7.88 -2.34
CA PHE C 35 0.10 7.17 -1.23
C PHE C 35 -0.74 7.16 0.04
N GLN C 36 -1.72 8.07 0.16
CA GLN C 36 -2.60 8.13 1.34
C GLN C 36 -1.80 8.08 2.64
N ILE C 37 -0.74 8.89 2.72
CA ILE C 37 0.22 8.64 3.78
C ILE C 37 -0.36 9.01 5.13
N GLY C 38 -1.30 9.95 5.19
CA GLY C 38 -1.97 10.24 6.45
C GLY C 38 -2.74 9.04 6.98
N PHE C 39 -3.52 8.40 6.10
CA PHE C 39 -4.21 7.18 6.48
C PHE C 39 -3.22 6.09 6.89
N VAL C 40 -2.09 5.99 6.18
CA VAL C 40 -1.11 4.96 6.50
C VAL C 40 -0.40 5.27 7.82
N GLU C 41 -0.10 6.55 8.07
CA GLU C 41 0.53 6.89 9.36
C GLU C 41 -0.45 6.64 10.51
N ASN C 42 -1.75 6.76 10.26
CA ASN C 42 -2.75 6.45 11.29
C ASN C 42 -2.69 4.98 11.70
N LEU C 43 -2.67 4.07 10.72
CA LEU C 43 -2.43 2.65 11.02
C LEU C 43 -1.20 2.43 11.87
N LYS C 44 -0.07 3.02 11.48
CA LYS C 44 1.19 2.74 12.16
C LYS C 44 1.15 3.17 13.62
N GLN C 45 0.56 4.33 13.91
CA GLN C 45 0.39 4.74 15.30
C GLN C 45 -0.49 3.75 16.05
N GLU C 46 -1.60 3.32 15.44
CA GLU C 46 -2.49 2.36 16.08
C GLU C 46 -1.77 1.07 16.42
N MET C 47 -0.86 0.61 15.56
CA MET C 47 -0.09 -0.61 15.81
C MET C 47 1.02 -0.35 16.82
N ASP C 55 -2.45 -8.94 16.67
CA ASP C 55 -3.82 -8.48 16.49
C ASP C 55 -3.91 -7.34 15.48
N ILE C 56 -3.02 -7.38 14.47
CA ILE C 56 -2.92 -6.31 13.48
C ILE C 56 -4.28 -6.03 12.85
N PHE C 57 -5.06 -7.08 12.58
CA PHE C 57 -6.29 -6.90 11.83
C PHE C 57 -7.37 -6.22 12.66
N SER C 58 -7.42 -6.53 13.97
CA SER C 58 -8.33 -5.81 14.86
C SER C 58 -7.97 -4.33 14.93
N SER C 59 -6.69 -4.03 15.16
CA SER C 59 -6.25 -2.65 15.25
C SER C 59 -6.48 -1.91 13.94
N LEU C 60 -6.39 -2.61 12.82
CA LEU C 60 -6.68 -1.99 11.54
C LEU C 60 -8.18 -1.67 11.43
N ALA C 61 -9.03 -2.56 11.94
CA ALA C 61 -10.45 -2.28 11.97
C ALA C 61 -10.76 -0.99 12.75
N LYS C 62 -10.01 -0.75 13.83
CA LYS C 62 -10.24 0.44 14.63
C LYS C 62 -9.97 1.71 13.83
N VAL C 63 -8.90 1.73 13.05
CA VAL C 63 -8.55 2.93 12.29
C VAL C 63 -9.64 3.23 11.25
N ILE C 64 -10.12 2.20 10.56
CA ILE C 64 -11.19 2.40 9.59
C ILE C 64 -12.55 2.58 10.28
N GLY C 65 -12.69 2.11 11.52
CA GLY C 65 -13.92 2.30 12.28
C GLY C 65 -14.28 3.74 12.56
CA CA D . 16.53 8.09 -8.83
CA CA E . 11.64 -2.05 -5.07
CA CA F . -7.27 -18.17 0.81
CA CA G . 0.88 -10.74 -3.00
#